data_5KKX
#
_entry.id   5KKX
#
_cell.length_a   132.939
_cell.length_b   132.939
_cell.length_c   64.353
_cell.angle_alpha   90.00
_cell.angle_beta   90.00
_cell.angle_gamma   90.00
#
_symmetry.space_group_name_H-M   'P 4 21 2'
#
loop_
_entity.id
_entity.type
_entity.pdbx_description
1 polymer TbpB
2 non-polymer GLYCEROL
3 water water
#
_entity_poly.entity_id   1
_entity_poly.type   'polypeptide(L)'
_entity_poly.pdbx_seq_one_letter_code
;SKLTTVLDAVELTLNDKKIKNLDNFSNAAQLVVDGIMIDLAGTEFTRKFEHTINGKTYEVEVCCSNLNYLKYGMLTRKGK
QVEQSMFLQGERTDEKEIPTDQNVVYRGSWYGHIANGTSWSGNASDKEGGNRAEFTVNFADKKITGKLTAENRQAQTFTI
EGMIQGNGFEGTAKTAESGFDLDQKNTTRTPKAYITDAKVKGGFYGPKAEELGGWFAYHKSDNGSATVVFGAKRQQPVQ
;
_entity_poly.pdbx_strand_id   A,B
#
loop_
_chem_comp.id
_chem_comp.type
_chem_comp.name
_chem_comp.formula
GOL non-polymer GLYCEROL 'C3 H8 O3'
#
# COMPACT_ATOMS: atom_id res chain seq x y z
N THR A 5 5.56 14.97 -32.30
CA THR A 5 4.65 14.98 -33.44
C THR A 5 4.41 13.56 -33.94
N VAL A 6 3.19 13.06 -33.76
CA VAL A 6 2.13 13.79 -33.05
C VAL A 6 2.29 13.65 -31.53
N LEU A 7 1.92 14.71 -30.82
CA LEU A 7 2.15 14.79 -29.39
C LEU A 7 0.84 15.22 -28.73
N ASP A 8 0.32 14.39 -27.82
CA ASP A 8 -0.77 14.81 -26.94
C ASP A 8 -0.15 15.64 -25.84
N ALA A 9 -0.78 16.76 -25.54
CA ALA A 9 -0.34 17.61 -24.45
C ALA A 9 -1.53 18.37 -23.91
N VAL A 10 -2.00 17.95 -22.74
CA VAL A 10 -3.24 18.49 -22.18
C VAL A 10 -3.05 18.90 -20.74
N GLU A 11 -3.79 19.92 -20.35
CA GLU A 11 -3.88 20.35 -18.96
C GLU A 11 -5.35 20.28 -18.53
N LEU A 12 -5.62 19.66 -17.40
CA LEU A 12 -6.98 19.59 -16.90
C LEU A 12 -7.07 20.42 -15.64
N THR A 13 -7.88 21.48 -15.67
CA THR A 13 -8.02 22.37 -14.53
C THR A 13 -9.01 21.79 -13.51
N LEU A 14 -8.61 21.75 -12.25
CA LEU A 14 -9.44 21.10 -11.25
C LEU A 14 -10.70 21.88 -10.88
N ASN A 15 -10.61 23.20 -10.82
CA ASN A 15 -11.74 24.00 -10.37
C ASN A 15 -12.96 23.90 -11.30
N ASP A 16 -12.72 23.96 -12.61
CA ASP A 16 -13.81 24.01 -13.58
C ASP A 16 -13.90 22.75 -14.45
N LYS A 17 -13.12 21.74 -14.10
CA LYS A 17 -13.07 20.48 -14.84
C LYS A 17 -13.00 20.66 -16.36
N LYS A 18 -12.09 21.50 -16.83
CA LYS A 18 -11.92 21.72 -18.26
C LYS A 18 -10.60 21.15 -18.79
N ILE A 19 -10.56 20.89 -20.09
CA ILE A 19 -9.37 20.34 -20.73
C ILE A 19 -8.82 21.33 -21.73
N LYS A 20 -7.56 21.72 -21.56
CA LYS A 20 -6.91 22.63 -22.52
C LYS A 20 -5.75 21.92 -23.20
N ASN A 21 -5.55 22.19 -24.49
CA ASN A 21 -4.35 21.73 -25.18
C ASN A 21 -3.19 22.67 -24.88
N LEU A 22 -2.05 22.10 -24.50
CA LEU A 22 -0.85 22.88 -24.25
C LEU A 22 -0.01 23.05 -25.50
N ASP A 23 0.74 24.15 -25.58
CA ASP A 23 1.76 24.26 -26.62
C ASP A 23 2.90 23.34 -26.22
N ASN A 24 3.68 22.89 -27.19
CA ASN A 24 4.71 21.90 -26.93
C ASN A 24 5.88 22.02 -27.88
N PHE A 25 6.98 21.37 -27.52
CA PHE A 25 8.17 21.29 -28.37
C PHE A 25 8.42 19.84 -28.77
N SER A 26 7.34 19.13 -29.10
CA SER A 26 7.44 17.74 -29.54
C SER A 26 8.28 16.90 -28.59
N ASN A 27 8.08 17.11 -27.30
CA ASN A 27 8.93 16.49 -26.29
C ASN A 27 8.13 16.23 -25.02
N ALA A 28 7.88 14.95 -24.71
CA ALA A 28 7.02 14.61 -23.57
C ALA A 28 7.64 15.10 -22.25
N ALA A 29 8.97 15.13 -22.20
CA ALA A 29 9.70 15.51 -21.00
C ALA A 29 9.79 17.02 -20.76
N GLN A 30 9.26 17.80 -21.69
CA GLN A 30 9.28 19.26 -21.57
C GLN A 30 7.88 19.84 -21.44
N LEU A 31 7.56 20.34 -20.25
CA LEU A 31 6.25 20.94 -20.01
C LEU A 31 6.29 22.43 -20.34
N VAL A 32 5.55 22.83 -21.37
CA VAL A 32 5.48 24.23 -21.77
C VAL A 32 4.22 24.91 -21.25
N VAL A 33 4.34 25.58 -20.10
CA VAL A 33 3.22 26.30 -19.51
C VAL A 33 3.51 27.79 -19.36
N ASP A 34 2.53 28.62 -19.69
CA ASP A 34 2.65 30.07 -19.52
C ASP A 34 3.87 30.65 -20.23
N GLY A 35 4.14 30.15 -21.43
CA GLY A 35 5.23 30.67 -22.24
C GLY A 35 6.61 30.20 -21.82
N ILE A 36 6.72 29.60 -20.64
CA ILE A 36 8.02 29.11 -20.17
C ILE A 36 8.13 27.59 -20.27
N MET A 37 9.28 27.05 -19.88
CA MET A 37 9.52 25.62 -20.01
C MET A 37 10.02 24.99 -18.71
N ILE A 38 9.37 23.90 -18.32
CA ILE A 38 9.76 23.15 -17.14
C ILE A 38 10.20 21.75 -17.56
N ASP A 39 11.38 21.34 -17.10
CA ASP A 39 11.88 20.00 -17.41
C ASP A 39 11.37 18.94 -16.44
N LEU A 40 10.64 17.96 -16.97
CA LEU A 40 10.06 16.88 -16.17
C LEU A 40 11.00 15.69 -15.95
N ALA A 41 12.16 15.72 -16.62
CA ALA A 41 13.24 14.75 -16.40
C ALA A 41 13.04 13.85 -15.19
N GLU A 44 11.97 8.06 -6.33
CA GLU A 44 12.21 7.08 -7.37
C GLU A 44 11.09 7.09 -8.43
N PHE A 45 9.94 6.51 -8.13
CA PHE A 45 8.86 6.36 -9.13
C PHE A 45 8.33 7.69 -9.66
N THR A 46 8.02 8.61 -8.75
CA THR A 46 7.53 9.92 -9.15
C THR A 46 8.52 10.94 -8.63
N ARG A 47 8.43 12.16 -9.14
CA ARG A 47 9.28 13.21 -8.59
C ARG A 47 8.47 14.49 -8.35
N LYS A 48 8.83 15.19 -7.28
CA LYS A 48 8.08 16.36 -6.84
C LYS A 48 9.05 17.51 -6.64
N PHE A 49 8.72 18.68 -7.16
CA PHE A 49 9.63 19.82 -7.06
C PHE A 49 8.95 21.17 -7.31
N GLU A 50 9.64 22.23 -6.92
CA GLU A 50 9.20 23.59 -7.20
C GLU A 50 10.16 24.25 -8.18
N HIS A 51 9.62 25.15 -8.99
CA HIS A 51 10.40 25.83 -10.01
C HIS A 51 9.87 27.25 -10.17
N THR A 52 10.74 28.24 -10.03
CA THR A 52 10.32 29.62 -10.27
C THR A 52 10.99 30.20 -11.51
N ILE A 53 10.17 30.81 -12.38
CA ILE A 53 10.66 31.37 -13.64
C ILE A 53 9.80 32.56 -14.06
N ASN A 54 10.45 33.69 -14.32
CA ASN A 54 9.76 34.94 -14.61
C ASN A 54 9.04 35.49 -13.38
N GLY A 55 9.44 35.04 -12.20
CA GLY A 55 8.81 35.44 -10.96
C GLY A 55 7.65 34.53 -10.56
N LYS A 56 7.26 33.64 -11.46
CA LYS A 56 6.12 32.75 -11.21
C LYS A 56 6.59 31.42 -10.61
N THR A 57 5.92 30.98 -9.55
CA THR A 57 6.30 29.75 -8.87
C THR A 57 5.37 28.57 -9.16
N TYR A 58 5.96 27.47 -9.62
CA TYR A 58 5.21 26.27 -9.97
C TYR A 58 5.57 25.09 -9.06
N GLU A 59 4.56 24.38 -8.59
CA GLU A 59 4.80 23.13 -7.91
C GLU A 59 4.41 21.98 -8.84
N VAL A 60 5.32 21.03 -9.02
CA VAL A 60 5.10 19.97 -9.99
C VAL A 60 5.29 18.60 -9.36
N GLU A 61 4.32 17.73 -9.60
CA GLU A 61 4.48 16.32 -9.27
C GLU A 61 4.28 15.54 -10.55
N VAL A 62 5.28 14.76 -10.95
CA VAL A 62 5.23 14.05 -12.22
C VAL A 62 5.62 12.58 -12.13
N CYS A 63 4.97 11.78 -12.97
CA CYS A 63 5.20 10.35 -13.07
C CYS A 63 5.57 10.10 -14.53
N CYS A 64 6.46 9.15 -14.82
CA CYS A 64 6.98 8.15 -13.91
C CYS A 64 8.42 7.87 -14.32
N SER A 65 9.23 7.39 -13.39
CA SER A 65 10.61 7.05 -13.71
C SER A 65 10.74 6.00 -14.84
N ASN A 66 9.78 5.09 -14.94
CA ASN A 66 9.86 4.02 -15.94
C ASN A 66 9.19 4.30 -17.29
N LEU A 67 8.61 5.49 -17.46
CA LEU A 67 8.03 5.87 -18.75
C LEU A 67 9.01 6.76 -19.50
N ASN A 68 9.15 6.54 -20.80
CA ASN A 68 10.10 7.35 -21.57
C ASN A 68 9.44 8.23 -22.61
N TYR A 69 8.17 7.96 -22.91
CA TYR A 69 7.51 8.65 -24.01
C TYR A 69 6.24 9.33 -23.59
N LEU A 70 6.04 9.34 -22.27
CA LEU A 70 4.80 9.79 -21.65
C LEU A 70 5.14 10.33 -20.27
N LYS A 71 4.57 11.48 -19.93
CA LYS A 71 4.67 12.00 -18.57
C LYS A 71 3.30 12.51 -18.18
N TYR A 72 2.92 12.30 -16.92
CA TYR A 72 1.64 12.79 -16.42
C TYR A 72 1.82 13.18 -14.97
N GLY A 73 0.96 14.05 -14.46
CA GLY A 73 1.14 14.54 -13.10
C GLY A 73 0.28 15.74 -12.73
N MET A 74 0.70 16.45 -11.69
CA MET A 74 -0.03 17.58 -11.13
C MET A 74 0.80 18.83 -11.32
N LEU A 75 0.12 19.91 -11.70
CA LEU A 75 0.76 21.21 -11.78
C LEU A 75 0.03 22.23 -10.90
N THR A 76 0.75 22.79 -9.95
CA THR A 76 0.19 23.82 -9.07
C THR A 76 0.87 25.16 -9.30
N ARG A 77 0.10 26.14 -9.77
CA ARG A 77 0.58 27.51 -9.89
C ARG A 77 0.30 28.23 -8.57
N LYS A 78 1.36 28.74 -7.95
CA LYS A 78 1.21 29.39 -6.66
C LYS A 78 1.44 30.90 -6.77
N GLY A 79 0.69 31.67 -5.99
CA GLY A 79 0.86 33.11 -5.96
C GLY A 79 -0.44 33.86 -6.11
N LYS A 80 -0.82 34.59 -5.05
CA LYS A 80 -2.07 35.36 -5.04
C LYS A 80 -3.27 34.45 -5.22
N GLN A 81 -3.13 33.46 -6.10
CA GLN A 81 -4.13 32.42 -6.26
C GLN A 81 -3.44 31.09 -6.48
N VAL A 82 -3.82 30.10 -5.66
CA VAL A 82 -3.31 28.74 -5.84
C VAL A 82 -4.24 27.95 -6.74
N GLU A 83 -3.78 27.68 -7.96
CA GLU A 83 -4.59 26.95 -8.93
C GLU A 83 -3.99 25.57 -9.19
N GLN A 84 -4.84 24.55 -9.17
CA GLN A 84 -4.42 23.18 -9.37
C GLN A 84 -4.86 22.65 -10.72
N SER A 85 -3.94 21.95 -11.38
CA SER A 85 -4.19 21.37 -12.68
C SER A 85 -3.58 19.96 -12.71
N MET A 86 -4.12 19.09 -13.55
CA MET A 86 -3.38 17.92 -13.96
C MET A 86 -2.88 18.14 -15.38
N PHE A 87 -1.88 17.36 -15.78
CA PHE A 87 -1.38 17.41 -17.14
C PHE A 87 -0.98 16.00 -17.61
N LEU A 88 -0.94 15.84 -18.92
CA LEU A 88 -0.41 14.62 -19.51
C LEU A 88 0.21 14.98 -20.86
N GLN A 89 1.42 14.47 -21.11
CA GLN A 89 2.09 14.66 -22.40
C GLN A 89 2.67 13.34 -22.88
N GLY A 90 2.49 13.04 -24.16
CA GLY A 90 2.98 11.81 -24.74
C GLY A 90 3.20 11.90 -26.24
N GLU A 91 4.26 11.24 -26.70
CA GLU A 91 4.60 11.22 -28.11
C GLU A 91 3.99 9.98 -28.73
N ARG A 92 3.00 10.17 -29.60
CA ARG A 92 2.23 9.02 -30.10
C ARG A 92 3.10 8.06 -30.91
N THR A 93 2.77 6.78 -30.84
CA THR A 93 3.42 5.77 -31.65
C THR A 93 2.93 5.89 -33.08
N ASP A 94 3.85 5.79 -34.05
CA ASP A 94 3.47 5.85 -35.45
C ASP A 94 2.41 4.79 -35.71
N GLU A 95 1.35 5.17 -36.41
CA GLU A 95 0.25 4.26 -36.71
C GLU A 95 0.71 2.90 -37.28
N LYS A 96 1.74 2.89 -38.12
CA LYS A 96 2.21 1.65 -38.71
C LYS A 96 2.86 0.73 -37.68
N GLU A 97 3.25 1.30 -36.54
CA GLU A 97 3.92 0.54 -35.49
C GLU A 97 2.95 0.00 -34.43
N ILE A 98 1.67 0.29 -34.59
CA ILE A 98 0.69 -0.21 -33.61
C ILE A 98 0.60 -1.75 -33.69
N PRO A 99 0.83 -2.43 -32.57
CA PRO A 99 0.74 -3.90 -32.53
C PRO A 99 -0.63 -4.42 -32.99
N THR A 100 -0.69 -5.71 -33.27
CA THR A 100 -1.93 -6.38 -33.65
C THR A 100 -2.25 -7.52 -32.67
N ASP A 101 -1.43 -7.65 -31.62
CA ASP A 101 -1.62 -8.69 -30.59
C ASP A 101 -2.89 -8.53 -29.77
N GLN A 102 -3.38 -9.66 -29.23
CA GLN A 102 -4.47 -9.66 -28.26
C GLN A 102 -3.90 -9.78 -26.85
N ASN A 103 -4.69 -9.43 -25.83
CA ASN A 103 -4.32 -9.69 -24.44
C ASN A 103 -3.03 -8.98 -24.01
N VAL A 104 -2.78 -7.79 -24.53
CA VAL A 104 -1.60 -7.04 -24.13
C VAL A 104 -1.91 -6.27 -22.85
N VAL A 105 -1.18 -6.59 -21.79
CA VAL A 105 -1.42 -5.96 -20.51
C VAL A 105 -0.51 -4.76 -20.28
N TYR A 106 -1.09 -3.65 -19.86
CA TYR A 106 -0.36 -2.46 -19.48
C TYR A 106 -0.65 -2.20 -17.99
N ARG A 107 0.38 -1.87 -17.22
CA ARG A 107 0.21 -1.55 -15.80
C ARG A 107 0.81 -0.20 -15.51
N GLY A 108 0.15 0.55 -14.64
CA GLY A 108 0.64 1.88 -14.30
C GLY A 108 -0.13 2.49 -13.14
N SER A 109 -0.39 3.79 -13.22
CA SER A 109 -1.04 4.45 -12.11
C SER A 109 -1.81 5.64 -12.63
N TRP A 110 -2.28 6.49 -11.72
CA TRP A 110 -3.09 7.64 -12.09
C TRP A 110 -3.12 8.67 -10.97
N TYR A 111 -3.42 9.91 -11.35
CA TYR A 111 -3.78 10.96 -10.40
C TYR A 111 -5.27 11.17 -10.56
N GLY A 112 -5.97 11.32 -9.44
CA GLY A 112 -7.39 11.60 -9.56
C GLY A 112 -7.90 12.57 -8.53
N HIS A 113 -8.93 13.30 -8.92
CA HIS A 113 -9.72 14.07 -7.99
C HIS A 113 -11.18 13.74 -8.24
N ILE A 114 -11.88 13.29 -7.20
CA ILE A 114 -13.28 12.89 -7.34
C ILE A 114 -14.10 13.62 -6.29
N ALA A 115 -15.26 14.14 -6.69
CA ALA A 115 -16.09 14.86 -5.74
C ALA A 115 -17.58 14.66 -5.97
N ASN A 116 -18.34 14.90 -4.91
CA ASN A 116 -19.78 15.11 -4.99
C ASN A 116 -20.19 15.68 -3.65
N GLY A 117 -20.07 16.99 -3.51
CA GLY A 117 -20.17 17.63 -2.22
C GLY A 117 -18.77 17.63 -1.65
N THR A 118 -18.40 16.54 -1.00
CA THR A 118 -17.04 16.39 -0.48
C THR A 118 -16.15 15.71 -1.51
N SER A 119 -14.84 15.73 -1.28
CA SER A 119 -13.93 15.29 -2.32
C SER A 119 -12.88 14.30 -1.84
N TRP A 120 -12.34 13.58 -2.81
CA TRP A 120 -11.28 12.60 -2.59
C TRP A 120 -10.21 12.91 -3.61
N SER A 121 -8.95 12.75 -3.22
CA SER A 121 -7.88 12.85 -4.21
C SER A 121 -6.84 11.76 -3.98
N GLY A 122 -6.13 11.39 -5.03
CA GLY A 122 -5.06 10.42 -4.93
C GLY A 122 -4.00 10.63 -5.99
N ASN A 123 -2.74 10.42 -5.60
CA ASN A 123 -1.60 10.64 -6.49
C ASN A 123 -1.03 9.31 -6.99
N ALA A 124 -0.32 9.36 -8.11
CA ALA A 124 0.23 8.16 -8.72
C ALA A 124 1.15 7.44 -7.73
N SER A 125 1.28 6.13 -7.89
CA SER A 125 2.07 5.32 -6.99
C SER A 125 2.48 4.05 -7.71
N ASP A 126 3.59 3.44 -7.28
CA ASP A 126 3.91 2.11 -7.78
C ASP A 126 3.86 1.08 -6.65
N LYS A 127 3.19 1.43 -5.56
CA LYS A 127 3.08 0.53 -4.42
C LYS A 127 1.78 -0.26 -4.46
N GLU A 128 1.83 -1.46 -3.92
CA GLU A 128 0.64 -2.19 -3.57
C GLU A 128 -0.18 -1.30 -2.62
N GLY A 129 -1.48 -1.17 -2.86
CA GLY A 129 -2.28 -0.31 -2.01
C GLY A 129 -2.32 1.15 -2.44
N GLY A 130 -1.51 1.53 -3.43
CA GLY A 130 -1.52 2.89 -3.95
C GLY A 130 -2.48 3.02 -5.12
N ASN A 131 -2.64 4.23 -5.66
CA ASN A 131 -3.38 4.38 -6.91
C ASN A 131 -2.79 3.42 -7.94
N ARG A 132 -3.62 2.58 -8.52
CA ARG A 132 -3.13 1.68 -9.56
C ARG A 132 -4.04 1.60 -10.78
N ALA A 133 -3.40 1.38 -11.93
CA ALA A 133 -4.10 1.28 -13.21
C ALA A 133 -3.67 0.00 -13.90
N GLU A 134 -4.61 -0.68 -14.55
CA GLU A 134 -4.31 -1.86 -15.31
C GLU A 134 -5.20 -1.89 -16.55
N PHE A 135 -4.60 -2.19 -17.71
CA PHE A 135 -5.37 -2.27 -18.94
C PHE A 135 -5.09 -3.55 -19.68
N THR A 136 -6.10 -4.02 -20.41
CA THR A 136 -5.87 -5.12 -21.33
C THR A 136 -6.26 -4.63 -22.71
N VAL A 137 -5.31 -4.67 -23.64
CA VAL A 137 -5.58 -4.15 -24.97
C VAL A 137 -5.65 -5.31 -25.96
N ASN A 138 -6.79 -5.43 -26.61
CA ASN A 138 -6.94 -6.43 -27.65
C ASN A 138 -6.89 -5.71 -28.97
N PHE A 139 -5.66 -5.56 -29.50
CA PHE A 139 -5.44 -4.73 -30.67
C PHE A 139 -6.21 -5.25 -31.88
N ALA A 140 -6.30 -6.57 -32.05
CA ALA A 140 -7.02 -7.12 -33.20
C ALA A 140 -8.52 -6.85 -33.13
N ASP A 141 -9.08 -6.75 -31.92
CA ASP A 141 -10.49 -6.40 -31.75
C ASP A 141 -10.67 -4.87 -31.73
N LYS A 142 -9.54 -4.15 -31.71
CA LYS A 142 -9.56 -2.70 -31.58
C LYS A 142 -10.22 -2.26 -30.29
N LYS A 143 -9.99 -3.02 -29.24
CA LYS A 143 -10.66 -2.77 -27.97
CA LYS A 143 -10.66 -2.79 -27.96
C LYS A 143 -9.65 -2.60 -26.84
N ILE A 144 -9.94 -1.65 -25.96
CA ILE A 144 -9.17 -1.51 -24.74
C ILE A 144 -10.14 -1.54 -23.56
N THR A 145 -9.80 -2.31 -22.53
CA THR A 145 -10.57 -2.27 -21.28
C THR A 145 -9.58 -2.11 -20.14
N GLY A 146 -10.07 -1.57 -19.04
CA GLY A 146 -9.17 -1.37 -17.92
C GLY A 146 -9.87 -0.94 -16.66
N LYS A 147 -9.08 -0.80 -15.61
CA LYS A 147 -9.59 -0.38 -14.33
C LYS A 147 -8.57 0.47 -13.59
N LEU A 148 -9.09 1.47 -12.89
CA LEU A 148 -8.29 2.31 -12.01
C LEU A 148 -8.78 2.01 -10.62
N THR A 149 -7.85 1.76 -9.71
CA THR A 149 -8.20 1.49 -8.33
C THR A 149 -7.58 2.55 -7.42
N ALA A 150 -8.41 3.14 -6.58
CA ALA A 150 -7.99 4.16 -5.61
C ALA A 150 -7.10 3.60 -4.51
N GLU A 151 -6.11 4.40 -4.11
CA GLU A 151 -5.29 4.14 -2.96
C GLU A 151 -6.10 3.66 -1.75
N ASN A 152 -5.60 2.61 -1.11
CA ASN A 152 -6.19 2.05 0.10
C ASN A 152 -7.65 1.60 -0.07
N ARG A 153 -8.05 1.29 -1.30
CA ARG A 153 -9.38 0.74 -1.50
C ARG A 153 -9.28 -0.67 -2.05
N GLN A 154 -10.21 -1.53 -1.69
CA GLN A 154 -10.20 -2.91 -2.18
C GLN A 154 -10.79 -2.99 -3.60
N ALA A 155 -11.99 -2.45 -3.79
CA ALA A 155 -12.66 -2.56 -5.08
C ALA A 155 -12.17 -1.52 -6.07
N GLN A 156 -12.26 -1.86 -7.36
CA GLN A 156 -11.85 -0.95 -8.41
C GLN A 156 -12.72 0.29 -8.33
N THR A 157 -12.16 1.40 -8.78
CA THR A 157 -12.80 2.69 -8.69
C THR A 157 -13.46 3.08 -10.04
N PHE A 158 -12.69 3.06 -11.11
CA PHE A 158 -13.22 3.32 -12.45
C PHE A 158 -13.09 2.09 -13.29
N THR A 159 -14.13 1.81 -14.07
CA THR A 159 -14.06 0.79 -15.09
C THR A 159 -13.93 1.53 -16.40
N ILE A 160 -12.96 1.14 -17.21
CA ILE A 160 -12.73 1.83 -18.48
C ILE A 160 -12.93 0.91 -19.66
N GLU A 161 -13.65 1.40 -20.68
CA GLU A 161 -13.77 0.67 -21.93
C GLU A 161 -13.67 1.64 -23.10
N GLY A 162 -13.01 1.20 -24.17
CA GLY A 162 -12.78 2.07 -25.31
C GLY A 162 -12.49 1.32 -26.58
N MET A 163 -12.44 2.06 -27.68
CA MET A 163 -12.15 1.51 -28.99
C MET A 163 -10.93 2.24 -29.51
N ILE A 164 -10.11 1.51 -30.25
CA ILE A 164 -8.86 2.05 -30.74
C ILE A 164 -9.03 2.54 -32.17
N GLN A 165 -8.55 3.76 -32.46
CA GLN A 165 -8.46 4.22 -33.83
C GLN A 165 -7.05 4.72 -34.12
N GLY A 166 -6.36 4.08 -35.05
CA GLY A 166 -4.98 4.43 -35.32
C GLY A 166 -4.16 4.32 -34.05
N ASN A 167 -3.52 5.42 -33.64
CA ASN A 167 -2.65 5.35 -32.47
C ASN A 167 -3.30 5.95 -31.24
N GLY A 168 -4.63 6.03 -31.24
CA GLY A 168 -5.35 6.59 -30.12
C GLY A 168 -6.50 5.70 -29.70
N PHE A 169 -7.13 6.05 -28.59
CA PHE A 169 -8.36 5.37 -28.21
C PHE A 169 -9.32 6.34 -27.56
N GLU A 170 -10.59 5.96 -27.55
CA GLU A 170 -11.64 6.77 -26.92
C GLU A 170 -12.67 5.83 -26.33
N GLY A 171 -13.29 6.27 -25.25
CA GLY A 171 -14.36 5.50 -24.63
C GLY A 171 -14.87 6.14 -23.37
N THR A 172 -15.18 5.32 -22.38
CA THR A 172 -15.88 5.78 -21.19
C THR A 172 -15.18 5.30 -19.94
N ALA A 173 -15.36 6.05 -18.86
CA ALA A 173 -14.94 5.60 -17.53
C ALA A 173 -16.15 5.75 -16.63
N LYS A 174 -16.38 4.77 -15.77
CA LYS A 174 -17.51 4.87 -14.85
CA LYS A 174 -17.55 4.79 -14.89
C LYS A 174 -17.19 4.23 -13.51
N THR A 175 -17.82 4.77 -12.48
CA THR A 175 -17.69 4.25 -11.13
C THR A 175 -18.59 3.05 -11.00
N ALA A 176 -18.49 2.29 -9.90
CA ALA A 176 -19.45 1.26 -9.58
C ALA A 176 -20.85 1.85 -9.61
N GLU A 177 -21.83 1.01 -9.95
CA GLU A 177 -23.22 1.47 -10.00
C GLU A 177 -23.65 2.05 -8.67
N SER A 178 -23.18 1.45 -7.58
CA SER A 178 -23.54 1.92 -6.24
C SER A 178 -22.68 3.12 -5.82
N GLY A 179 -21.84 3.60 -6.74
CA GLY A 179 -21.08 4.82 -6.50
C GLY A 179 -19.73 4.60 -5.84
N PHE A 180 -18.88 5.61 -5.93
CA PHE A 180 -17.58 5.57 -5.27
C PHE A 180 -17.71 6.22 -3.88
N ASP A 181 -17.38 5.48 -2.83
CA ASP A 181 -17.39 6.04 -1.46
C ASP A 181 -16.29 7.07 -1.35
N LEU A 182 -16.65 8.30 -1.02
CA LEU A 182 -15.64 9.38 -0.97
C LEU A 182 -14.81 9.26 0.29
N ASP A 183 -15.36 8.57 1.28
CA ASP A 183 -14.69 8.37 2.55
C ASP A 183 -14.88 6.93 3.05
N GLN A 184 -13.92 6.42 3.79
CA GLN A 184 -14.06 5.08 4.37
C GLN A 184 -14.39 5.14 5.87
N LYS A 185 -15.35 5.98 6.23
CA LYS A 185 -15.76 6.12 7.63
C LYS A 185 -17.24 5.79 7.79
N ASN A 186 -17.64 4.61 7.32
CA ASN A 186 -19.02 4.18 7.41
C ASN A 186 -19.20 3.00 8.37
N THR A 188 -24.36 4.18 9.35
CA THR A 188 -23.74 5.46 9.01
C THR A 188 -24.03 5.84 7.56
N ARG A 189 -23.89 7.12 7.25
CA ARG A 189 -24.10 7.61 5.89
C ARG A 189 -22.80 8.17 5.33
N THR A 190 -22.42 7.69 4.15
CA THR A 190 -21.19 8.14 3.51
C THR A 190 -21.46 8.76 2.16
N PRO A 191 -20.88 9.92 1.90
CA PRO A 191 -21.03 10.59 0.61
C PRO A 191 -20.44 9.76 -0.52
N LYS A 192 -21.18 9.64 -1.61
CA LYS A 192 -20.74 8.87 -2.77
C LYS A 192 -20.69 9.77 -3.98
N ALA A 193 -19.78 9.46 -4.90
CA ALA A 193 -19.78 10.09 -6.20
C ALA A 193 -20.22 9.06 -7.25
N TYR A 194 -21.05 9.49 -8.19
CA TYR A 194 -21.49 8.63 -9.29
C TYR A 194 -21.03 9.24 -10.61
N ILE A 195 -20.19 8.52 -11.32
CA ILE A 195 -19.65 8.97 -12.60
C ILE A 195 -20.08 7.93 -13.62
N THR A 196 -21.16 8.21 -14.35
CA THR A 196 -21.77 7.14 -15.13
C THR A 196 -21.32 7.19 -16.59
N ASP A 197 -20.62 8.25 -16.97
CA ASP A 197 -20.51 8.55 -18.38
C ASP A 197 -19.28 9.40 -18.75
N ALA A 198 -18.18 9.27 -18.02
CA ALA A 198 -17.03 10.15 -18.28
C ALA A 198 -16.40 9.76 -19.62
N LYS A 199 -16.00 10.76 -20.41
CA LYS A 199 -15.46 10.52 -21.73
C LYS A 199 -13.95 10.41 -21.66
N VAL A 200 -13.44 9.24 -21.99
CA VAL A 200 -12.00 9.02 -21.92
C VAL A 200 -11.39 9.22 -23.30
N LYS A 201 -10.26 9.90 -23.31
CA LYS A 201 -9.46 10.04 -24.51
CA LYS A 201 -9.46 10.05 -24.52
C LYS A 201 -8.03 9.66 -24.15
N GLY A 202 -7.34 8.97 -25.04
CA GLY A 202 -5.96 8.59 -24.77
C GLY A 202 -5.21 8.15 -26.01
N GLY A 203 -3.94 7.78 -25.82
CA GLY A 203 -3.12 7.35 -26.92
C GLY A 203 -2.12 6.28 -26.51
N PHE A 204 -1.46 5.73 -27.51
CA PHE A 204 -0.35 4.82 -27.31
C PHE A 204 0.89 5.59 -27.65
N TYR A 205 1.94 5.45 -26.83
CA TYR A 205 3.11 6.29 -26.93
C TYR A 205 4.38 5.46 -27.05
N GLY A 206 5.36 6.01 -27.75
CA GLY A 206 6.68 5.42 -27.86
C GLY A 206 6.76 4.43 -29.00
N PRO A 207 7.97 3.93 -29.30
CA PRO A 207 8.04 2.88 -30.33
C PRO A 207 7.17 1.69 -29.94
N LYS A 208 6.49 1.14 -30.94
CA LYS A 208 5.72 -0.08 -30.76
C LYS A 208 4.70 -0.04 -29.61
N ALA A 209 4.22 1.16 -29.29
CA ALA A 209 3.18 1.34 -28.26
C ALA A 209 3.54 0.67 -26.93
N GLU A 210 4.76 0.90 -26.47
CA GLU A 210 5.21 0.33 -25.21
C GLU A 210 4.51 0.98 -24.02
N GLU A 211 3.92 2.15 -24.24
CA GLU A 211 3.24 2.91 -23.19
C GLU A 211 1.89 3.40 -23.68
N LEU A 212 0.96 3.62 -22.76
CA LEU A 212 -0.33 4.23 -23.13
C LEU A 212 -0.74 5.16 -22.02
N GLY A 213 -1.61 6.10 -22.32
CA GLY A 213 -2.06 7.01 -21.29
C GLY A 213 -3.36 7.64 -21.73
N GLY A 214 -4.02 8.36 -20.84
CA GLY A 214 -5.28 8.98 -21.21
C GLY A 214 -5.77 9.86 -20.08
N TRP A 215 -6.94 10.48 -20.29
CA TRP A 215 -7.39 11.49 -19.35
C TRP A 215 -8.89 11.66 -19.48
N PHE A 216 -9.51 12.19 -18.44
CA PHE A 216 -10.90 12.60 -18.53
C PHE A 216 -11.23 13.64 -17.48
N ALA A 217 -12.21 14.47 -17.78
CA ALA A 217 -12.65 15.52 -16.89
C ALA A 217 -14.16 15.55 -17.03
N TYR A 218 -14.85 15.28 -15.93
CA TYR A 218 -16.28 15.06 -15.98
C TYR A 218 -16.93 15.80 -14.84
N HIS A 219 -18.10 16.39 -15.11
CA HIS A 219 -18.93 16.88 -14.01
C HIS A 219 -20.39 16.70 -14.37
N LYS A 220 -21.20 16.34 -13.38
CA LYS A 220 -22.64 16.26 -13.58
C LYS A 220 -23.35 16.53 -12.27
N SER A 221 -24.32 17.44 -12.33
CA SER A 221 -25.13 17.78 -11.17
C SER A 221 -25.78 16.51 -10.58
N ASP A 222 -25.91 16.48 -9.25
CA ASP A 222 -26.49 15.34 -8.53
C ASP A 222 -25.78 14.00 -8.71
N ASN A 223 -24.64 14.01 -9.39
CA ASN A 223 -23.88 12.78 -9.59
C ASN A 223 -22.46 12.91 -9.05
N GLY A 224 -21.74 13.91 -9.53
CA GLY A 224 -20.39 14.16 -9.07
C GLY A 224 -19.45 14.58 -10.18
N SER A 225 -18.18 14.71 -9.84
CA SER A 225 -17.18 15.16 -10.80
C SER A 225 -15.89 14.35 -10.62
N ALA A 226 -15.10 14.31 -11.68
CA ALA A 226 -13.82 13.63 -11.64
C ALA A 226 -12.84 14.21 -12.65
N THR A 227 -11.61 14.39 -12.22
CA THR A 227 -10.54 14.79 -13.11
C THR A 227 -9.42 13.77 -12.93
N VAL A 228 -9.00 13.15 -14.03
CA VAL A 228 -8.06 12.03 -13.96
C VAL A 228 -7.06 12.05 -15.12
N VAL A 229 -5.78 11.80 -14.82
CA VAL A 229 -4.81 11.43 -15.87
C VAL A 229 -4.19 10.10 -15.44
N PHE A 230 -3.97 9.23 -16.41
CA PHE A 230 -3.36 7.93 -16.13
C PHE A 230 -2.34 7.56 -17.20
N GLY A 231 -1.44 6.65 -16.85
CA GLY A 231 -0.43 6.16 -17.76
C GLY A 231 -0.02 4.76 -17.35
N ALA A 232 0.43 3.97 -18.32
CA ALA A 232 0.76 2.59 -18.06
C ALA A 232 1.77 2.07 -19.06
N LYS A 233 2.49 1.02 -18.68
CA LYS A 233 3.53 0.46 -19.49
C LYS A 233 3.23 -0.99 -19.83
N ARG A 234 3.50 -1.36 -21.08
CA ARG A 234 3.33 -2.72 -21.58
C ARG A 234 4.17 -3.70 -20.78
N GLN A 235 3.52 -4.77 -20.32
CA GLN A 235 4.14 -5.74 -19.43
C GLN A 235 4.57 -6.97 -20.22
N GLN A 236 5.66 -7.58 -19.79
CA GLN A 236 6.09 -8.86 -20.34
C GLN A 236 5.12 -9.98 -19.92
N PRO A 237 5.04 -11.04 -20.74
CA PRO A 237 4.18 -12.20 -20.42
C PRO A 237 4.67 -12.97 -19.19
N THR B 4 -2.64 -21.68 33.24
CA THR B 4 -1.21 -21.81 33.49
C THR B 4 -0.45 -20.54 33.10
N THR B 5 -0.78 -20.00 31.93
CA THR B 5 -0.23 -18.71 31.51
C THR B 5 -1.26 -17.60 31.64
N VAL B 6 -0.93 -16.57 32.41
CA VAL B 6 -1.86 -15.48 32.69
C VAL B 6 -1.52 -14.26 31.84
N LEU B 7 -0.25 -13.89 31.81
CA LEU B 7 0.19 -12.76 31.03
C LEU B 7 1.35 -13.16 30.11
N ASP B 8 1.28 -12.73 28.85
CA ASP B 8 2.46 -12.78 28.00
C ASP B 8 3.12 -11.40 28.02
N ALA B 9 4.43 -11.38 28.17
CA ALA B 9 5.18 -10.14 28.09
C ALA B 9 6.58 -10.47 27.63
N VAL B 10 6.86 -10.26 26.35
CA VAL B 10 8.14 -10.66 25.81
C VAL B 10 8.83 -9.53 25.07
N GLU B 11 10.15 -9.55 25.09
CA GLU B 11 10.91 -8.64 24.26
C GLU B 11 11.80 -9.46 23.32
N LEU B 12 11.79 -9.12 22.05
CA LEU B 12 12.64 -9.81 21.08
C LEU B 12 13.72 -8.86 20.60
N THR B 13 14.96 -9.19 20.87
CA THR B 13 16.06 -8.28 20.54
C THR B 13 16.53 -8.56 19.11
N LEU B 14 16.60 -7.52 18.29
CA LEU B 14 16.90 -7.69 16.86
C LEU B 14 18.33 -8.11 16.59
N ASN B 15 19.28 -7.66 17.39
CA ASN B 15 20.68 -7.94 17.09
C ASN B 15 21.10 -9.38 17.38
N ASP B 16 20.56 -9.98 18.43
CA ASP B 16 20.96 -11.36 18.78
C ASP B 16 19.82 -12.36 18.61
N LYS B 17 18.63 -11.86 18.26
CA LYS B 17 17.47 -12.70 18.00
C LYS B 17 17.12 -13.61 19.17
N LYS B 18 17.08 -13.03 20.36
CA LYS B 18 16.69 -13.74 21.58
C LYS B 18 15.31 -13.27 22.05
N ILE B 19 14.59 -14.18 22.71
CA ILE B 19 13.32 -13.82 23.31
C ILE B 19 13.54 -13.73 24.82
N LYS B 20 13.13 -12.62 25.40
CA LYS B 20 13.23 -12.43 26.84
C LYS B 20 11.83 -12.19 27.43
N ASN B 21 11.55 -12.83 28.55
CA ASN B 21 10.34 -12.52 29.30
C ASN B 21 10.56 -11.26 30.10
N LEU B 22 9.65 -10.30 29.97
CA LEU B 22 9.74 -9.08 30.77
C LEU B 22 9.06 -9.27 32.11
N ASP B 23 9.58 -8.58 33.13
CA ASP B 23 8.86 -8.41 34.38
C ASP B 23 7.60 -7.63 34.06
N ASN B 24 6.62 -7.69 34.94
CA ASN B 24 5.37 -6.99 34.71
C ASN B 24 4.91 -6.26 35.97
N PHE B 25 4.23 -5.13 35.81
CA PHE B 25 3.73 -4.36 36.94
C PHE B 25 2.30 -3.90 36.67
N SER B 26 1.37 -4.43 37.43
CA SER B 26 -0.02 -4.00 37.41
C SER B 26 -0.79 -4.37 36.13
N ASN B 27 -0.30 -3.94 34.97
CA ASN B 27 -1.12 -3.99 33.77
C ASN B 27 -0.34 -4.19 32.47
N ALA B 28 -0.99 -4.82 31.49
CA ALA B 28 -0.35 -5.07 30.21
C ALA B 28 -0.18 -3.78 29.41
N ALA B 29 -0.97 -2.77 29.77
CA ALA B 29 -0.96 -1.49 29.05
C ALA B 29 0.30 -0.74 29.42
N GLN B 30 1.11 -1.39 30.24
CA GLN B 30 2.29 -0.78 30.83
C GLN B 30 3.51 -1.64 30.54
N LEU B 31 4.52 -1.06 29.90
CA LEU B 31 5.71 -1.83 29.52
C LEU B 31 6.86 -1.68 30.52
N VAL B 32 7.24 -2.79 31.15
CA VAL B 32 8.31 -2.79 32.15
C VAL B 32 9.62 -3.21 31.52
N VAL B 33 10.57 -2.28 31.45
CA VAL B 33 11.86 -2.55 30.83
C VAL B 33 12.96 -1.79 31.55
N ASP B 34 14.12 -2.42 31.69
CA ASP B 34 15.25 -1.78 32.35
C ASP B 34 14.87 -1.25 33.73
N GLY B 35 13.87 -1.87 34.35
CA GLY B 35 13.43 -1.49 35.68
C GLY B 35 12.43 -0.33 35.69
N ILE B 36 12.22 0.28 34.53
CA ILE B 36 11.32 1.42 34.47
C ILE B 36 9.99 1.08 33.80
N MET B 37 9.02 1.98 33.91
CA MET B 37 7.71 1.74 33.34
C MET B 37 7.37 2.72 32.23
N ILE B 38 6.99 2.18 31.08
CA ILE B 38 6.55 3.01 29.98
C ILE B 38 5.08 2.76 29.68
N ASP B 39 4.27 3.79 29.88
CA ASP B 39 2.85 3.74 29.58
C ASP B 39 2.65 3.55 28.09
N LEU B 40 1.97 2.48 27.71
CA LEU B 40 1.68 2.22 26.31
C LEU B 40 0.41 2.95 25.89
N ALA B 41 -0.13 3.76 26.81
CA ALA B 41 -1.34 4.59 26.64
C ALA B 41 -2.29 4.12 25.55
N GLU B 44 -2.97 7.13 14.03
CA GLU B 44 -4.19 6.39 14.38
C GLU B 44 -3.90 4.93 14.69
N PHE B 45 -3.70 4.11 13.66
CA PHE B 45 -3.58 2.66 13.87
C PHE B 45 -2.45 2.32 14.84
N THR B 46 -1.28 2.90 14.61
CA THR B 46 -0.15 2.76 15.53
C THR B 46 0.25 4.13 16.05
N ARG B 47 0.75 4.16 17.28
CA ARG B 47 1.23 5.38 17.89
C ARG B 47 2.75 5.31 18.04
N LYS B 48 3.43 6.40 17.74
CA LYS B 48 4.85 6.50 17.97
C LYS B 48 5.13 7.61 18.98
N PHE B 49 6.01 7.34 19.94
CA PHE B 49 6.41 8.37 20.91
C PHE B 49 7.80 8.12 21.48
N GLU B 50 8.36 9.16 22.09
CA GLU B 50 9.66 9.09 22.75
C GLU B 50 9.51 9.31 24.25
N HIS B 51 10.35 8.63 25.03
CA HIS B 51 10.26 8.65 26.47
C HIS B 51 11.68 8.66 27.02
N THR B 52 12.03 9.74 27.71
CA THR B 52 13.39 9.89 28.23
C THR B 52 13.43 9.82 29.75
N ILE B 53 14.01 8.75 30.28
CA ILE B 53 14.17 8.61 31.72
C ILE B 53 15.64 8.82 32.07
N ASN B 54 15.91 9.97 32.67
CA ASN B 54 17.24 10.33 33.07
C ASN B 54 18.08 10.36 31.81
N GLY B 55 19.19 9.64 31.86
CA GLY B 55 20.06 9.54 30.71
C GLY B 55 19.42 8.88 29.50
N LYS B 56 18.60 7.85 29.71
CA LYS B 56 18.35 6.92 28.63
C LYS B 56 17.10 7.34 27.84
N THR B 57 17.18 7.30 26.51
CA THR B 57 16.04 7.66 25.68
C THR B 57 15.42 6.45 24.98
N TYR B 58 14.12 6.29 25.16
CA TYR B 58 13.38 5.17 24.60
C TYR B 58 12.45 5.66 23.51
N GLU B 59 12.56 5.06 22.32
CA GLU B 59 11.63 5.37 21.24
C GLU B 59 10.69 4.18 21.06
N VAL B 60 9.39 4.46 21.14
CA VAL B 60 8.39 3.39 21.12
C VAL B 60 7.41 3.53 19.97
N GLU B 61 7.11 2.42 19.33
CA GLU B 61 5.95 2.33 18.45
C GLU B 61 5.03 1.20 18.92
N VAL B 62 3.76 1.48 19.11
CA VAL B 62 2.83 0.48 19.62
C VAL B 62 1.56 0.33 18.80
N CYS B 63 1.16 -0.90 18.60
CA CYS B 63 -0.05 -1.27 17.87
C CYS B 63 -1.00 -1.92 18.88
N CYS B 64 -2.32 -1.77 18.75
CA CYS B 64 -3.03 -1.09 17.66
C CYS B 64 -4.24 -0.37 18.25
N SER B 65 -4.73 0.65 17.55
CA SER B 65 -5.91 1.39 18.00
C SER B 65 -7.11 0.48 18.24
N ASN B 66 -7.21 -0.62 17.50
CA ASN B 66 -8.37 -1.50 17.61
C ASN B 66 -8.20 -2.75 18.50
N LEU B 67 -7.07 -2.84 19.21
CA LEU B 67 -6.87 -3.94 20.16
C LEU B 67 -6.98 -3.43 21.59
N ASN B 68 -7.73 -4.15 22.42
CA ASN B 68 -7.95 -3.73 23.80
C ASN B 68 -7.21 -4.59 24.84
N TYR B 69 -6.75 -5.76 24.44
CA TYR B 69 -6.18 -6.70 25.40
C TYR B 69 -4.78 -7.16 24.99
N LEU B 70 -4.30 -6.67 23.86
CA LEU B 70 -2.99 -7.04 23.39
C LEU B 70 -2.33 -5.77 22.88
N LYS B 71 -1.04 -5.62 23.18
CA LYS B 71 -0.25 -4.56 22.55
C LYS B 71 1.05 -5.15 22.01
N TYR B 72 1.48 -4.63 20.86
CA TYR B 72 2.76 -5.09 20.29
C TYR B 72 3.42 -3.97 19.49
N GLY B 73 4.73 -4.05 19.30
CA GLY B 73 5.42 -2.96 18.64
C GLY B 73 6.93 -3.03 18.75
N MET B 74 7.56 -1.87 18.60
CA MET B 74 9.00 -1.75 18.55
C MET B 74 9.45 -0.91 19.71
N LEU B 75 10.57 -1.29 20.30
CA LEU B 75 11.21 -0.46 21.30
C LEU B 75 12.67 -0.25 20.88
N THR B 76 13.04 1.02 20.73
CA THR B 76 14.40 1.40 20.38
C THR B 76 15.06 2.10 21.57
N ARG B 77 16.16 1.54 22.07
CA ARG B 77 16.93 2.22 23.10
C ARG B 77 18.04 3.04 22.47
N LYS B 78 17.96 4.35 22.64
CA LYS B 78 18.97 5.25 22.09
C LYS B 78 20.01 5.58 23.16
N GLY B 79 20.86 6.57 22.88
CA GLY B 79 21.92 6.93 23.80
C GLY B 79 23.04 5.91 23.76
N LYS B 80 24.25 6.38 23.47
CA LYS B 80 25.41 5.51 23.27
C LYS B 80 25.24 4.68 22.00
N GLN B 81 24.84 3.41 22.16
CA GLN B 81 24.55 2.55 21.01
C GLN B 81 23.04 2.42 20.82
N VAL B 82 22.62 2.17 19.58
CA VAL B 82 21.20 2.03 19.30
C VAL B 82 20.80 0.57 19.24
N GLU B 83 20.07 0.12 20.27
CA GLU B 83 19.58 -1.24 20.33
C GLU B 83 18.11 -1.25 19.99
N GLN B 84 17.72 -2.12 19.05
CA GLN B 84 16.33 -2.18 18.66
C GLN B 84 15.71 -3.50 19.06
N SER B 85 14.49 -3.45 19.57
CA SER B 85 13.79 -4.67 19.98
C SER B 85 12.35 -4.62 19.50
N MET B 86 11.70 -5.78 19.49
CA MET B 86 10.24 -5.81 19.39
C MET B 86 9.64 -6.23 20.73
N PHE B 87 8.37 -5.93 20.98
CA PHE B 87 7.73 -6.43 22.18
C PHE B 87 6.29 -6.87 21.91
N LEU B 88 5.78 -7.71 22.79
CA LEU B 88 4.37 -8.06 22.77
C LEU B 88 3.90 -8.32 24.19
N GLN B 89 2.77 -7.73 24.55
CA GLN B 89 2.21 -7.92 25.90
C GLN B 89 0.71 -8.10 25.81
N GLY B 90 0.20 -9.11 26.50
CA GLY B 90 -1.24 -9.31 26.53
C GLY B 90 -1.68 -10.16 27.72
N GLU B 91 -2.90 -9.90 28.19
CA GLU B 91 -3.49 -10.70 29.25
C GLU B 91 -4.32 -11.79 28.58
N ARG B 92 -4.02 -13.05 28.88
CA ARG B 92 -4.66 -14.14 28.18
C ARG B 92 -6.10 -14.36 28.62
N THR B 93 -6.91 -14.94 27.75
CA THR B 93 -8.28 -15.27 28.10
C THR B 93 -8.25 -16.53 28.96
N ASP B 94 -9.02 -16.55 30.05
CA ASP B 94 -9.04 -17.70 30.93
C ASP B 94 -9.28 -18.96 30.11
N GLU B 95 -8.56 -20.03 30.44
CA GLU B 95 -8.67 -21.29 29.70
C GLU B 95 -10.11 -21.78 29.50
N LYS B 96 -10.99 -21.49 30.47
CA LYS B 96 -12.37 -21.97 30.40
C LYS B 96 -13.26 -21.07 29.53
N GLU B 97 -12.73 -19.91 29.17
CA GLU B 97 -13.49 -18.97 28.35
C GLU B 97 -13.14 -19.11 26.87
N ILE B 98 -12.26 -20.06 26.56
CA ILE B 98 -11.86 -20.32 25.18
C ILE B 98 -13.02 -20.95 24.41
N PRO B 99 -13.39 -20.35 23.27
CA PRO B 99 -14.54 -20.81 22.46
C PRO B 99 -14.37 -22.24 21.97
N THR B 100 -15.44 -22.80 21.42
CA THR B 100 -15.41 -24.11 20.78
C THR B 100 -15.71 -23.98 19.29
N ASP B 101 -15.85 -22.74 18.82
CA ASP B 101 -16.22 -22.45 17.44
C ASP B 101 -15.21 -22.95 16.41
N GLN B 102 -15.68 -23.09 15.17
CA GLN B 102 -14.85 -23.54 14.06
C GLN B 102 -14.72 -22.43 13.01
N ASN B 103 -13.67 -22.50 12.22
CA ASN B 103 -13.41 -21.51 11.18
C ASN B 103 -13.60 -20.07 11.65
N VAL B 104 -13.01 -19.75 12.79
CA VAL B 104 -13.01 -18.38 13.29
C VAL B 104 -11.85 -17.59 12.67
N VAL B 105 -12.17 -16.55 11.92
CA VAL B 105 -11.17 -15.73 11.24
C VAL B 105 -10.70 -14.56 12.09
N TYR B 106 -9.38 -14.38 12.16
CA TYR B 106 -8.77 -13.23 12.82
C TYR B 106 -7.98 -12.43 11.79
N ARG B 107 -7.98 -11.12 11.89
CA ARG B 107 -7.20 -10.29 10.97
C ARG B 107 -6.49 -9.22 11.75
N GLY B 108 -5.30 -8.85 11.27
CA GLY B 108 -4.52 -7.81 11.91
C GLY B 108 -3.23 -7.56 11.18
N SER B 109 -2.14 -7.39 11.92
CA SER B 109 -0.86 -7.03 11.30
C SER B 109 0.35 -7.59 12.06
N TRP B 110 1.54 -7.12 11.70
CA TRP B 110 2.78 -7.63 12.31
C TRP B 110 3.91 -6.66 12.05
N TYR B 111 4.90 -6.70 12.94
CA TYR B 111 6.19 -6.06 12.70
C TYR B 111 7.15 -7.17 12.35
N GLY B 112 7.99 -6.93 11.36
CA GLY B 112 8.96 -7.92 10.97
C GLY B 112 10.32 -7.36 10.69
N HIS B 113 11.35 -8.14 11.01
CA HIS B 113 12.70 -7.85 10.58
C HIS B 113 13.29 -9.17 10.08
N ILE B 114 13.62 -9.20 8.80
CA ILE B 114 14.07 -10.45 8.17
C ILE B 114 15.38 -10.12 7.49
N ALA B 115 16.37 -10.99 7.62
CA ALA B 115 17.70 -10.71 7.09
C ALA B 115 18.38 -12.00 6.64
N ASN B 116 19.33 -11.84 5.72
CA ASN B 116 20.30 -12.86 5.33
C ASN B 116 21.41 -12.04 4.66
N GLY B 117 22.18 -11.35 5.48
CA GLY B 117 23.12 -10.36 4.99
C GLY B 117 22.40 -9.02 4.95
N THR B 118 21.82 -8.72 3.80
CA THR B 118 20.89 -7.59 3.67
C THR B 118 19.65 -7.81 4.53
N SER B 119 19.01 -6.74 4.96
CA SER B 119 17.85 -6.87 5.83
C SER B 119 16.63 -6.17 5.26
N TRP B 120 15.46 -6.56 5.75
CA TRP B 120 14.19 -5.99 5.35
C TRP B 120 13.41 -5.73 6.63
N SER B 121 12.67 -4.62 6.68
CA SER B 121 11.82 -4.32 7.84
C SER B 121 10.46 -3.85 7.38
N GLY B 122 9.43 -4.19 8.14
CA GLY B 122 8.09 -3.72 7.89
C GLY B 122 7.36 -3.53 9.22
N ASN B 123 6.59 -2.45 9.32
CA ASN B 123 5.86 -2.14 10.54
C ASN B 123 4.39 -2.49 10.41
N ALA B 124 3.68 -2.56 11.53
CA ALA B 124 2.25 -2.88 11.50
C ALA B 124 1.51 -1.81 10.71
N SER B 125 0.36 -2.17 10.15
CA SER B 125 -0.41 -1.26 9.30
C SER B 125 -1.84 -1.77 9.18
N ASP B 126 -2.77 -0.88 8.94
CA ASP B 126 -4.11 -1.32 8.56
C ASP B 126 -4.45 -0.89 7.14
N LYS B 127 -3.43 -0.53 6.37
CA LYS B 127 -3.65 -0.05 5.00
C LYS B 127 -3.54 -1.21 4.00
N GLU B 128 -4.32 -1.14 2.90
CA GLU B 128 -4.12 -2.03 1.78
C GLU B 128 -2.65 -1.91 1.40
N GLY B 129 -2.01 -3.03 1.09
CA GLY B 129 -0.60 -3.03 0.77
C GLY B 129 0.37 -3.02 1.94
N GLY B 130 -0.12 -2.86 3.16
CA GLY B 130 0.75 -2.85 4.35
C GLY B 130 0.97 -4.25 4.90
N ASN B 131 1.86 -4.42 5.90
CA ASN B 131 1.97 -5.73 6.56
C ASN B 131 0.57 -6.14 6.97
N ARG B 132 0.18 -7.37 6.70
CA ARG B 132 -1.12 -7.83 7.17
C ARG B 132 -1.04 -9.29 7.61
N ALA B 133 -1.92 -9.65 8.55
CA ALA B 133 -1.95 -10.98 9.10
C ALA B 133 -3.37 -11.51 9.04
N GLU B 134 -3.52 -12.77 8.70
CA GLU B 134 -4.82 -13.42 8.82
C GLU B 134 -4.63 -14.81 9.38
N PHE B 135 -5.57 -15.23 10.22
CA PHE B 135 -5.53 -16.56 10.82
C PHE B 135 -6.89 -17.21 10.78
N THR B 136 -6.91 -18.53 10.62
CA THR B 136 -8.15 -19.28 10.71
C THR B 136 -8.01 -20.23 11.88
N VAL B 137 -8.93 -20.13 12.83
CA VAL B 137 -8.82 -20.90 14.06
C VAL B 137 -9.97 -21.89 14.19
N ASN B 138 -9.63 -23.15 14.38
CA ASN B 138 -10.61 -24.19 14.66
C ASN B 138 -10.42 -24.63 16.10
N PHE B 139 -11.17 -23.99 17.00
CA PHE B 139 -11.03 -24.26 18.43
C PHE B 139 -11.39 -25.69 18.82
N ALA B 140 -12.26 -26.33 18.04
CA ALA B 140 -12.67 -27.70 18.34
C ALA B 140 -11.56 -28.70 18.01
N ASP B 141 -10.91 -28.48 16.88
CA ASP B 141 -9.81 -29.35 16.46
C ASP B 141 -8.49 -28.90 17.10
N LYS B 142 -8.53 -27.80 17.85
CA LYS B 142 -7.35 -27.26 18.52
C LYS B 142 -6.25 -26.97 17.51
N LYS B 143 -6.63 -26.41 16.36
CA LYS B 143 -5.67 -26.11 15.32
C LYS B 143 -5.78 -24.65 14.91
N ILE B 144 -4.67 -24.10 14.44
CA ILE B 144 -4.64 -22.74 13.94
C ILE B 144 -3.70 -22.65 12.74
N THR B 145 -4.13 -21.93 11.72
CA THR B 145 -3.30 -21.68 10.55
C THR B 145 -3.41 -20.22 10.18
N GLY B 146 -2.41 -19.71 9.47
CA GLY B 146 -2.46 -18.32 9.07
C GLY B 146 -1.33 -17.91 8.16
N LYS B 147 -1.34 -16.65 7.78
CA LYS B 147 -0.31 -16.14 6.90
C LYS B 147 -0.03 -14.70 7.23
N LEU B 148 1.23 -14.32 7.07
CA LEU B 148 1.67 -12.95 7.25
C LEU B 148 2.13 -12.52 5.87
N THR B 149 1.66 -11.37 5.42
CA THR B 149 2.08 -10.86 4.12
C THR B 149 2.76 -9.53 4.29
N ALA B 150 3.94 -9.42 3.69
CA ALA B 150 4.76 -8.22 3.82
C ALA B 150 4.20 -7.06 3.03
N GLU B 151 4.41 -5.87 3.60
CA GLU B 151 4.13 -4.60 2.95
C GLU B 151 4.65 -4.60 1.52
N ASN B 152 3.79 -4.16 0.60
CA ASN B 152 4.16 -4.02 -0.82
C ASN B 152 4.55 -5.32 -1.53
N ARG B 153 4.10 -6.46 -1.02
CA ARG B 153 4.33 -7.74 -1.69
C ARG B 153 3.00 -8.35 -2.08
N GLN B 154 3.04 -9.24 -3.05
CA GLN B 154 1.83 -9.92 -3.50
C GLN B 154 1.76 -11.34 -2.93
N ALA B 155 2.89 -12.02 -2.87
CA ALA B 155 2.94 -13.37 -2.33
C ALA B 155 3.00 -13.33 -0.81
N GLN B 156 2.31 -14.26 -0.15
CA GLN B 156 2.40 -14.37 1.30
C GLN B 156 3.85 -14.57 1.71
N THR B 157 4.20 -14.05 2.86
CA THR B 157 5.59 -14.05 3.27
C THR B 157 5.83 -15.23 4.20
N PHE B 158 5.05 -15.34 5.26
CA PHE B 158 5.14 -16.47 6.17
C PHE B 158 3.86 -17.27 6.15
N THR B 159 4.00 -18.58 6.16
CA THR B 159 2.87 -19.49 6.33
C THR B 159 2.98 -20.05 7.74
N ILE B 160 1.89 -20.02 8.50
CA ILE B 160 1.91 -20.42 9.88
C ILE B 160 0.94 -21.57 10.11
N GLU B 161 1.40 -22.58 10.84
CA GLU B 161 0.55 -23.71 11.22
C GLU B 161 0.88 -24.08 12.65
N GLY B 162 -0.14 -24.37 13.45
CA GLY B 162 0.09 -24.70 14.85
C GLY B 162 -1.06 -25.38 15.56
N MET B 163 -0.82 -25.76 16.80
CA MET B 163 -1.83 -26.41 17.62
C MET B 163 -2.11 -25.56 18.86
N ILE B 164 -3.36 -25.58 19.28
CA ILE B 164 -3.78 -24.86 20.47
C ILE B 164 -3.72 -25.75 21.69
N GLN B 165 -3.10 -25.25 22.77
CA GLN B 165 -3.20 -25.87 24.09
C GLN B 165 -3.67 -24.85 25.12
N GLY B 166 -4.82 -25.12 25.74
CA GLY B 166 -5.37 -24.19 26.72
C GLY B 166 -5.66 -22.84 26.08
N ASN B 167 -5.06 -21.79 26.62
CA ASN B 167 -5.26 -20.45 26.09
C ASN B 167 -4.08 -19.95 25.26
N GLY B 168 -3.32 -20.88 24.68
CA GLY B 168 -2.16 -20.51 23.90
C GLY B 168 -2.03 -21.42 22.70
N PHE B 169 -1.03 -21.14 21.86
CA PHE B 169 -0.76 -22.00 20.74
C PHE B 169 0.72 -22.01 20.44
N GLU B 170 1.16 -23.01 19.71
CA GLU B 170 2.55 -23.13 19.27
C GLU B 170 2.53 -23.80 17.92
N GLY B 171 3.45 -23.40 17.06
CA GLY B 171 3.57 -23.99 15.75
C GLY B 171 4.81 -23.51 15.02
N THR B 172 4.74 -23.52 13.70
CA THR B 172 5.90 -23.20 12.89
C THR B 172 5.53 -22.13 11.90
N ALA B 173 6.51 -21.31 11.54
CA ALA B 173 6.33 -20.34 10.48
C ALA B 173 7.43 -20.54 9.43
N LYS B 174 7.09 -20.37 8.16
CA LYS B 174 8.10 -20.56 7.13
C LYS B 174 7.85 -19.67 5.95
N THR B 175 8.95 -19.30 5.29
CA THR B 175 8.88 -18.57 4.03
C THR B 175 8.63 -19.54 2.89
N ALA B 176 8.40 -19.00 1.70
CA ALA B 176 8.35 -19.81 0.49
C ALA B 176 9.67 -20.60 0.32
N GLU B 177 9.58 -21.77 -0.29
CA GLU B 177 10.78 -22.57 -0.55
C GLU B 177 11.82 -21.78 -1.37
N SER B 178 11.34 -20.95 -2.29
CA SER B 178 12.22 -20.14 -3.12
C SER B 178 12.72 -18.89 -2.41
N GLY B 179 12.34 -18.72 -1.15
CA GLY B 179 12.94 -17.68 -0.34
C GLY B 179 12.20 -16.36 -0.36
N PHE B 180 12.34 -15.59 0.71
CA PHE B 180 11.74 -14.26 0.80
C PHE B 180 12.66 -13.20 0.17
N ASP B 181 12.16 -12.45 -0.81
CA ASP B 181 12.92 -11.36 -1.43
C ASP B 181 13.17 -10.25 -0.40
N LEU B 182 14.45 -10.02 -0.07
CA LEU B 182 14.80 -8.97 0.88
C LEU B 182 14.70 -7.59 0.22
N ASP B 183 14.84 -7.57 -1.10
CA ASP B 183 14.77 -6.34 -1.89
C ASP B 183 13.59 -6.38 -2.86
N GLN B 184 12.46 -5.83 -2.45
CA GLN B 184 11.21 -5.92 -3.22
C GLN B 184 11.26 -5.38 -4.65
N LYS B 185 12.11 -4.39 -4.90
CA LYS B 185 12.08 -3.69 -6.18
C LYS B 185 12.93 -4.34 -7.25
N ASN B 186 13.90 -5.17 -6.84
CA ASN B 186 14.85 -5.76 -7.79
C ASN B 186 14.76 -7.28 -7.76
N THR B 187 13.62 -7.76 -8.23
CA THR B 187 13.27 -9.16 -8.13
CA THR B 187 13.25 -9.17 -8.17
C THR B 187 14.31 -10.07 -8.81
N THR B 188 14.90 -9.60 -9.90
CA THR B 188 15.87 -10.39 -10.64
C THR B 188 17.25 -10.51 -10.01
N ARG B 189 17.51 -9.76 -8.96
CA ARG B 189 18.84 -9.82 -8.36
C ARG B 189 18.81 -9.71 -6.83
N THR B 190 17.62 -9.81 -6.26
CA THR B 190 17.46 -9.67 -4.82
C THR B 190 18.12 -10.80 -4.02
N PRO B 191 18.81 -10.45 -2.93
CA PRO B 191 19.19 -11.47 -1.94
C PRO B 191 17.92 -11.97 -1.26
N LYS B 192 18.00 -13.16 -0.71
CA LYS B 192 16.84 -13.85 -0.14
C LYS B 192 17.12 -14.38 1.24
N ALA B 193 16.07 -14.47 2.05
CA ALA B 193 16.15 -15.19 3.32
C ALA B 193 15.33 -16.46 3.21
N TYR B 194 15.85 -17.54 3.79
CA TYR B 194 15.16 -18.82 3.79
C TYR B 194 14.91 -19.21 5.23
N ILE B 195 13.64 -19.18 5.61
CA ILE B 195 13.23 -19.50 6.98
C ILE B 195 12.35 -20.74 6.93
N THR B 196 12.91 -21.88 7.25
CA THR B 196 12.18 -23.12 7.02
C THR B 196 11.50 -23.61 8.28
N ASP B 197 11.87 -23.06 9.43
CA ASP B 197 11.61 -23.75 10.67
C ASP B 197 11.42 -22.83 11.89
N ALA B 198 10.88 -21.64 11.68
CA ALA B 198 10.68 -20.71 12.78
C ALA B 198 9.63 -21.21 13.78
N LYS B 199 9.90 -21.04 15.08
CA LYS B 199 9.03 -21.57 16.14
C LYS B 199 8.11 -20.49 16.67
N VAL B 200 6.83 -20.63 16.36
CA VAL B 200 5.84 -19.65 16.75
C VAL B 200 5.25 -20.00 18.09
N LYS B 201 5.16 -19.01 18.97
CA LYS B 201 4.44 -19.14 20.21
C LYS B 201 3.45 -18.01 20.33
N GLY B 202 2.28 -18.29 20.87
CA GLY B 202 1.26 -17.26 20.95
C GLY B 202 0.13 -17.61 21.88
N GLY B 203 -0.83 -16.68 21.99
CA GLY B 203 -1.96 -16.88 22.86
C GLY B 203 -3.21 -16.16 22.39
N PHE B 204 -4.31 -16.39 23.12
CA PHE B 204 -5.57 -15.72 22.89
C PHE B 204 -5.82 -14.74 24.04
N TYR B 205 -6.25 -13.53 23.71
CA TYR B 205 -6.36 -12.48 24.72
C TYR B 205 -7.79 -11.93 24.83
N GLY B 206 -8.10 -11.35 25.99
CA GLY B 206 -9.40 -10.75 26.23
C GLY B 206 -10.51 -11.75 26.46
N PRO B 207 -11.72 -11.27 26.78
CA PRO B 207 -12.85 -12.16 27.02
C PRO B 207 -13.17 -12.97 25.77
N LYS B 208 -13.36 -14.27 25.91
CA LYS B 208 -13.76 -15.12 24.81
C LYS B 208 -12.80 -15.06 23.60
N ALA B 209 -11.51 -14.86 23.87
CA ALA B 209 -10.49 -14.88 22.82
C ALA B 209 -10.80 -13.96 21.63
N GLU B 210 -11.21 -12.73 21.90
CA GLU B 210 -11.54 -11.79 20.83
C GLU B 210 -10.29 -11.37 20.04
N GLU B 211 -9.12 -11.61 20.60
CA GLU B 211 -7.86 -11.20 19.96
C GLU B 211 -6.86 -12.33 20.14
N LEU B 212 -5.88 -12.38 19.24
CA LEU B 212 -4.79 -13.34 19.36
C LEU B 212 -3.50 -12.64 18.97
N GLY B 213 -2.38 -13.17 19.44
CA GLY B 213 -1.09 -12.62 19.08
C GLY B 213 -0.03 -13.66 19.22
N GLY B 214 1.16 -13.37 18.69
CA GLY B 214 2.22 -14.35 18.67
C GLY B 214 3.55 -13.71 18.32
N TRP B 215 4.60 -14.53 18.38
CA TRP B 215 5.94 -14.02 18.14
C TRP B 215 6.86 -15.16 17.74
N PHE B 216 7.96 -14.80 17.08
CA PHE B 216 9.05 -15.74 16.85
C PHE B 216 10.35 -15.00 16.60
N ALA B 217 11.45 -15.60 16.98
CA ALA B 217 12.77 -15.07 16.66
C ALA B 217 13.60 -16.23 16.16
N TYR B 218 13.95 -16.20 14.88
CA TYR B 218 14.64 -17.31 14.26
C TYR B 218 15.96 -16.87 13.69
N HIS B 219 16.99 -17.69 13.82
CA HIS B 219 18.20 -17.50 13.03
C HIS B 219 18.80 -18.84 12.64
N LYS B 220 19.32 -18.92 11.42
CA LYS B 220 20.03 -20.10 10.99
C LYS B 220 21.12 -19.69 10.02
N SER B 221 22.33 -20.19 10.29
CA SER B 221 23.47 -19.91 9.44
C SER B 221 23.21 -20.36 8.01
N ASP B 222 23.67 -19.57 7.05
CA ASP B 222 23.53 -19.86 5.62
C ASP B 222 22.08 -19.80 5.14
N ASN B 223 21.17 -19.31 5.98
CA ASN B 223 19.76 -19.31 5.59
C ASN B 223 19.07 -17.97 5.85
N GLY B 224 19.16 -17.49 7.09
CA GLY B 224 18.70 -16.16 7.38
C GLY B 224 18.10 -16.09 8.76
N SER B 225 17.55 -14.92 9.11
CA SER B 225 16.96 -14.75 10.42
C SER B 225 15.67 -13.96 10.30
N ALA B 226 14.82 -14.07 11.31
CA ALA B 226 13.58 -13.30 11.33
C ALA B 226 13.12 -13.06 12.76
N THR B 227 12.75 -11.81 13.04
CA THR B 227 12.12 -11.46 14.31
C THR B 227 10.77 -10.84 14.00
N VAL B 228 9.73 -11.41 14.60
CA VAL B 228 8.36 -11.03 14.27
C VAL B 228 7.49 -11.00 15.51
N VAL B 229 6.63 -9.99 15.62
CA VAL B 229 5.52 -10.04 16.58
C VAL B 229 4.25 -9.76 15.78
N PHE B 230 3.17 -10.46 16.09
CA PHE B 230 1.92 -10.20 15.39
C PHE B 230 0.72 -10.21 16.32
N GLY B 231 -0.35 -9.57 15.87
CA GLY B 231 -1.60 -9.50 16.60
C GLY B 231 -2.76 -9.43 15.63
N ALA B 232 -3.91 -9.94 16.04
CA ALA B 232 -5.09 -9.97 15.18
C ALA B 232 -6.39 -10.01 15.99
N LYS B 233 -7.45 -9.51 15.38
CA LYS B 233 -8.74 -9.38 16.05
C LYS B 233 -9.77 -10.28 15.37
N ARG B 234 -10.57 -10.96 16.19
CA ARG B 234 -11.63 -11.82 15.66
C ARG B 234 -12.57 -11.01 14.78
N GLN B 235 -12.86 -11.53 13.59
CA GLN B 235 -13.68 -10.79 12.64
C GLN B 235 -15.15 -11.18 12.80
N GLN B 236 -16.02 -10.20 12.59
CA GLN B 236 -17.46 -10.47 12.55
C GLN B 236 -17.81 -11.11 11.22
N PRO B 237 -18.41 -12.31 11.26
CA PRO B 237 -18.74 -13.09 10.06
C PRO B 237 -19.72 -12.35 9.15
C1 GOL C . 0.15 -1.30 -9.07
O1 GOL C . 0.94 -1.96 -8.09
C2 GOL C . 1.03 -0.72 -10.17
O2 GOL C . 0.37 -0.86 -11.42
C3 GOL C . 1.28 0.76 -9.87
O3 GOL C . 2.27 1.30 -10.72
C1 GOL D . -13.34 -10.99 -32.19
O1 GOL D . -12.25 -11.51 -31.47
C2 GOL D . -13.34 -11.53 -33.62
O2 GOL D . -13.44 -12.93 -33.57
C3 GOL D . -14.56 -10.97 -34.36
O3 GOL D . -14.69 -11.59 -35.62
#